data_1WPY
#
_entry.id   1WPY
#
_cell.length_a   38.420
_cell.length_b   82.737
_cell.length_c   72.711
_cell.angle_alpha   90.00
_cell.angle_beta   103.17
_cell.angle_gamma   90.00
#
_symmetry.space_group_name_H-M   'P 1 21 1'
#
loop_
_entity.id
_entity.type
_entity.pdbx_description
1 polymer 'biotin--[acetyl-CoA-carboxylase] ligase'
2 non-polymer BIOTIN
3 water water
#
_entity_poly.entity_id   1
_entity_poly.type   'polypeptide(L)'
_entity_poly.pdbx_seq_one_letter_code
;(MSE)LGLKTSIIGRRVIYFQEITSTNEFAKTSYLEEGTVIVADKQT(MSE)GHGRLNRKWESPEGGLWLSIVLSPKVPQ
KDLPKIVFLGAVGVVETLKEFSIDGRIKWPNDVLVNYKKIAGVLVEGKGDKIVLGIGLNVNNKVPNGATS(MSE)KLELG
SEVPLLSVFRSLITNLDRLYLNFLKNP(MSE)DILNLVRDN(MSE)ILGVRVKILGDGSFEGIAEDIDDFGRLIIRLDSG
EVKKVIYGDVSLRFL
;
_entity_poly.pdbx_strand_id   A,B
#
# COMPACT_ATOMS: atom_id res chain seq x y z
N LEU A 2 6.22 3.51 -0.17
CA LEU A 2 6.59 2.87 -1.44
C LEU A 2 7.44 3.64 -2.42
N GLY A 3 7.26 4.97 -2.45
CA GLY A 3 8.05 5.78 -3.37
C GLY A 3 7.87 5.44 -4.84
N LEU A 4 6.63 5.14 -5.25
CA LEU A 4 6.36 4.82 -6.64
C LEU A 4 6.54 6.12 -7.45
N LYS A 5 7.12 6.01 -8.64
CA LYS A 5 7.37 7.18 -9.47
C LYS A 5 6.57 7.21 -10.76
N THR A 6 5.49 6.44 -10.80
CA THR A 6 4.62 6.34 -11.97
C THR A 6 3.75 7.58 -12.14
N SER A 7 3.24 7.78 -13.36
CA SER A 7 2.39 8.93 -13.68
C SER A 7 0.93 8.76 -13.31
N ILE A 8 0.34 7.63 -13.68
CA ILE A 8 -1.06 7.37 -13.38
C ILE A 8 -1.27 6.10 -12.58
N ILE A 9 -0.84 4.96 -13.13
CA ILE A 9 -1.01 3.70 -12.44
C ILE A 9 -0.12 3.63 -11.21
N GLY A 10 -0.74 3.58 -10.03
CA GLY A 10 0.03 3.53 -8.80
C GLY A 10 0.02 4.84 -8.05
N ARG A 11 -0.79 5.81 -8.49
CA ARG A 11 -0.86 7.09 -7.77
C ARG A 11 -1.28 6.79 -6.35
N ARG A 12 -2.16 5.79 -6.22
CA ARG A 12 -2.63 5.31 -4.93
C ARG A 12 -2.66 3.79 -5.01
N VAL A 13 -2.40 3.14 -3.89
CA VAL A 13 -2.42 1.69 -3.84
C VAL A 13 -3.14 1.29 -2.55
N ILE A 14 -4.14 0.43 -2.67
CA ILE A 14 -4.86 -0.04 -1.49
C ILE A 14 -4.50 -1.51 -1.30
N TYR A 15 -3.79 -1.80 -0.21
CA TYR A 15 -3.37 -3.16 0.10
C TYR A 15 -4.25 -3.84 1.15
N PHE A 16 -4.56 -5.12 0.92
CA PHE A 16 -5.36 -5.91 1.85
C PHE A 16 -4.64 -7.19 2.22
N GLN A 17 -4.68 -7.56 3.49
CA GLN A 17 -4.09 -8.83 3.90
C GLN A 17 -4.95 -9.92 3.24
N GLU A 18 -6.25 -9.67 3.16
CA GLU A 18 -7.18 -10.61 2.54
C GLU A 18 -8.39 -9.87 1.98
N ILE A 19 -8.91 -10.35 0.86
CA ILE A 19 -10.06 -9.70 0.23
C ILE A 19 -10.85 -10.76 -0.52
N THR A 20 -12.11 -10.47 -0.82
CA THR A 20 -12.92 -11.40 -1.59
C THR A 20 -12.34 -11.46 -3.00
N SER A 21 -12.30 -10.31 -3.65
CA SER A 21 -11.77 -10.19 -5.00
C SER A 21 -11.36 -8.74 -5.25
N THR A 22 -10.15 -8.54 -5.75
CA THR A 22 -9.69 -7.18 -6.03
C THR A 22 -10.52 -6.57 -7.16
N ASN A 23 -10.90 -7.39 -8.13
CA ASN A 23 -11.71 -6.88 -9.23
C ASN A 23 -13.08 -6.42 -8.73
N GLU A 24 -13.71 -7.20 -7.86
CA GLU A 24 -15.02 -6.82 -7.34
C GLU A 24 -14.92 -5.55 -6.48
N PHE A 25 -13.88 -5.44 -5.66
CA PHE A 25 -13.70 -4.26 -4.83
C PHE A 25 -13.51 -3.04 -5.70
N ALA A 26 -12.70 -3.18 -6.75
CA ALA A 26 -12.44 -2.07 -7.66
C ALA A 26 -13.67 -1.63 -8.46
N LYS A 27 -14.48 -2.59 -8.88
CA LYS A 27 -15.69 -2.28 -9.63
C LYS A 27 -16.72 -1.55 -8.78
N THR A 28 -16.85 -2.02 -7.53
CA THR A 28 -17.84 -1.48 -6.59
C THR A 28 -17.53 -0.16 -5.91
N SER A 29 -16.27 0.01 -5.51
CA SER A 29 -15.85 1.21 -4.79
C SER A 29 -15.63 2.47 -5.62
N TYR A 30 -15.72 3.61 -4.95
CA TYR A 30 -15.49 4.90 -5.59
C TYR A 30 -13.98 5.13 -5.51
N LEU A 31 -13.31 4.96 -6.64
CA LEU A 31 -11.85 5.09 -6.72
C LEU A 31 -11.39 5.96 -7.87
N GLU A 32 -10.25 6.61 -7.68
CA GLU A 32 -9.65 7.49 -8.67
C GLU A 32 -8.92 6.65 -9.72
N GLU A 33 -8.80 7.18 -10.93
CA GLU A 33 -8.08 6.47 -11.98
C GLU A 33 -6.65 6.24 -11.54
N GLY A 34 -6.11 5.06 -11.84
CA GLY A 34 -4.74 4.75 -11.48
C GLY A 34 -4.60 4.03 -10.15
N THR A 35 -5.68 3.98 -9.38
CA THR A 35 -5.62 3.30 -8.09
C THR A 35 -5.45 1.81 -8.30
N VAL A 36 -4.52 1.22 -7.56
CA VAL A 36 -4.25 -0.21 -7.64
C VAL A 36 -4.78 -0.88 -6.39
N ILE A 37 -5.49 -1.99 -6.56
CA ILE A 37 -6.03 -2.74 -5.43
C ILE A 37 -5.23 -4.04 -5.43
N VAL A 38 -4.55 -4.33 -4.32
CA VAL A 38 -3.72 -5.53 -4.23
C VAL A 38 -3.96 -6.25 -2.90
N ALA A 39 -3.94 -7.58 -2.94
CA ALA A 39 -4.17 -8.37 -1.73
C ALA A 39 -3.26 -9.58 -1.65
N ASP A 40 -2.89 -9.96 -0.43
CA ASP A 40 -2.02 -11.12 -0.25
C ASP A 40 -2.72 -12.38 -0.73
N LYS A 41 -4.04 -12.42 -0.55
CA LYS A 41 -4.83 -13.55 -0.99
C LYS A 41 -6.28 -13.13 -1.23
N GLN A 42 -6.95 -13.87 -2.10
CA GLN A 42 -8.35 -13.62 -2.41
C GLN A 42 -9.13 -14.86 -2.03
N THR A 43 -10.27 -14.66 -1.38
CA THR A 43 -11.09 -15.79 -0.96
C THR A 43 -12.07 -16.20 -2.07
N GLY A 45 -11.53 -15.35 -5.71
CA GLY A 45 -10.92 -14.89 -6.94
C GLY A 45 -11.72 -15.32 -8.16
N HIS A 46 -11.85 -14.41 -9.13
CA HIS A 46 -12.62 -14.71 -10.33
C HIS A 46 -11.78 -14.69 -11.61
N GLY A 47 -12.06 -15.66 -12.48
CA GLY A 47 -11.36 -15.74 -13.74
C GLY A 47 -12.35 -15.42 -14.84
N ARG A 48 -11.91 -15.56 -16.09
CA ARG A 48 -12.78 -15.29 -17.23
C ARG A 48 -13.65 -16.52 -17.48
N LEU A 49 -14.73 -16.33 -18.24
CA LEU A 49 -15.63 -17.44 -18.54
C LEU A 49 -16.23 -18.02 -17.26
N ASN A 50 -16.47 -17.13 -16.29
CA ASN A 50 -17.05 -17.50 -15.01
C ASN A 50 -16.33 -18.65 -14.28
N ARG A 51 -15.01 -18.68 -14.40
CA ARG A 51 -14.20 -19.71 -13.75
C ARG A 51 -13.60 -19.09 -12.49
N LYS A 52 -13.39 -19.89 -11.45
CA LYS A 52 -12.79 -19.36 -10.23
C LYS A 52 -11.28 -19.31 -10.41
N TRP A 53 -10.64 -18.38 -9.71
CA TRP A 53 -9.19 -18.23 -9.80
C TRP A 53 -8.57 -18.40 -8.41
N GLU A 54 -7.80 -19.48 -8.25
CA GLU A 54 -7.14 -19.75 -6.97
C GLU A 54 -6.17 -18.62 -6.68
N SER A 55 -6.30 -18.02 -5.50
CA SER A 55 -5.45 -16.89 -5.14
C SER A 55 -4.82 -17.02 -3.75
N PRO A 56 -3.96 -18.02 -3.55
CA PRO A 56 -3.30 -18.23 -2.26
C PRO A 56 -2.17 -17.24 -2.01
N GLU A 57 -1.71 -17.17 -0.77
CA GLU A 57 -0.61 -16.29 -0.43
C GLU A 57 0.61 -16.68 -1.25
N GLY A 58 1.35 -15.68 -1.71
CA GLY A 58 2.54 -15.95 -2.48
C GLY A 58 2.44 -15.41 -3.90
N GLY A 59 1.22 -15.20 -4.38
CA GLY A 59 1.03 -14.69 -5.72
C GLY A 59 0.74 -13.19 -5.74
N LEU A 60 0.67 -12.62 -6.94
CA LEU A 60 0.38 -11.19 -7.09
C LEU A 60 -1.03 -11.08 -7.66
N TRP A 61 -1.94 -10.60 -6.81
CA TRP A 61 -3.34 -10.45 -7.17
C TRP A 61 -3.69 -8.98 -7.10
N LEU A 62 -3.92 -8.36 -8.25
CA LEU A 62 -4.24 -6.94 -8.23
C LEU A 62 -5.19 -6.50 -9.32
N SER A 63 -5.77 -5.33 -9.12
CA SER A 63 -6.69 -4.74 -10.06
C SER A 63 -6.34 -3.25 -10.15
N ILE A 64 -6.50 -2.69 -11.34
CA ILE A 64 -6.19 -1.29 -11.56
C ILE A 64 -7.41 -0.59 -12.14
N VAL A 65 -7.75 0.56 -11.56
CA VAL A 65 -8.87 1.35 -12.04
C VAL A 65 -8.40 2.26 -13.18
N LEU A 66 -9.06 2.16 -14.33
CA LEU A 66 -8.71 2.97 -15.49
C LEU A 66 -9.94 3.68 -16.02
N SER A 67 -9.73 4.83 -16.65
CA SER A 67 -10.79 5.60 -17.25
C SER A 67 -10.30 6.20 -18.56
N PRO A 68 -9.91 5.29 -19.45
CA PRO A 68 -9.30 5.70 -20.71
C PRO A 68 -10.30 6.48 -21.58
N LYS A 69 -11.51 5.89 -21.71
CA LYS A 69 -12.51 6.40 -22.65
C LYS A 69 -11.92 6.98 -23.93
N VAL A 70 -11.25 6.07 -24.66
CA VAL A 70 -10.78 6.40 -25.99
C VAL A 70 -11.88 6.08 -26.99
N PRO A 71 -11.62 6.16 -28.29
CA PRO A 71 -12.60 5.72 -29.25
C PRO A 71 -13.12 4.33 -28.88
N GLN A 72 -14.46 4.17 -28.96
CA GLN A 72 -15.06 2.91 -28.56
C GLN A 72 -14.38 1.72 -29.24
N LYS A 73 -13.89 1.98 -30.49
CA LYS A 73 -13.26 0.89 -31.24
C LYS A 73 -11.97 0.38 -30.59
N ASP A 74 -11.05 1.27 -30.26
CA ASP A 74 -9.79 0.86 -29.64
C ASP A 74 -9.86 0.91 -28.11
N LEU A 75 -10.75 0.09 -27.55
CA LEU A 75 -10.92 0.00 -26.11
C LEU A 75 -10.71 -1.45 -25.68
N PRO A 76 -11.22 -2.41 -26.48
CA PRO A 76 -11.08 -3.83 -26.15
C PRO A 76 -9.62 -4.29 -26.11
N LYS A 77 -8.69 -3.34 -26.25
CA LYS A 77 -7.26 -3.63 -26.23
C LYS A 77 -6.63 -3.54 -24.84
N ILE A 78 -7.43 -3.22 -23.84
CA ILE A 78 -6.94 -3.09 -22.47
C ILE A 78 -6.41 -4.41 -21.93
N VAL A 79 -7.02 -5.52 -22.33
CA VAL A 79 -6.60 -6.84 -21.90
C VAL A 79 -5.15 -7.06 -22.32
N PHE A 80 -4.82 -6.63 -23.53
CA PHE A 80 -3.47 -6.78 -24.04
C PHE A 80 -2.45 -5.98 -23.22
N LEU A 81 -2.87 -4.84 -22.70
CA LEU A 81 -1.96 -4.03 -21.89
C LEU A 81 -1.51 -4.87 -20.70
N GLY A 82 -2.47 -5.55 -20.07
CA GLY A 82 -2.15 -6.37 -18.92
C GLY A 82 -1.25 -7.54 -19.28
N ALA A 83 -1.58 -8.23 -20.35
CA ALA A 83 -0.78 -9.37 -20.78
C ALA A 83 0.64 -8.97 -21.14
N VAL A 84 0.79 -7.88 -21.89
CA VAL A 84 2.13 -7.43 -22.27
C VAL A 84 2.93 -6.97 -21.05
N GLY A 85 2.26 -6.27 -20.14
CA GLY A 85 2.94 -5.81 -18.94
C GLY A 85 3.53 -6.97 -18.18
N VAL A 86 2.75 -8.06 -18.08
CA VAL A 86 3.21 -9.25 -17.39
C VAL A 86 4.39 -9.88 -18.12
N VAL A 87 4.29 -9.97 -19.45
CA VAL A 87 5.38 -10.55 -20.23
C VAL A 87 6.68 -9.75 -20.05
N GLU A 88 6.58 -8.42 -20.08
CA GLU A 88 7.76 -7.59 -19.90
C GLU A 88 8.38 -7.81 -18.53
N THR A 89 7.54 -7.91 -17.50
CA THR A 89 8.05 -8.14 -16.16
C THR A 89 8.72 -9.51 -16.08
N LEU A 90 8.10 -10.52 -16.67
CA LEU A 90 8.68 -11.86 -16.65
C LEU A 90 10.05 -11.85 -17.34
N LYS A 91 10.17 -11.13 -18.44
CA LYS A 91 11.45 -11.07 -19.15
C LYS A 91 12.50 -10.38 -18.29
N GLU A 92 12.09 -9.42 -17.48
CA GLU A 92 13.02 -8.73 -16.60
C GLU A 92 13.61 -9.74 -15.61
N PHE A 93 12.85 -10.77 -15.30
CA PHE A 93 13.30 -11.81 -14.38
C PHE A 93 13.79 -13.04 -15.13
N SER A 94 14.02 -12.86 -16.43
CA SER A 94 14.50 -13.92 -17.32
C SER A 94 13.62 -15.14 -17.44
N ILE A 95 12.31 -14.90 -17.48
CA ILE A 95 11.32 -15.96 -17.64
C ILE A 95 10.65 -15.70 -18.98
N ASP A 96 10.57 -16.75 -19.81
CA ASP A 96 9.99 -16.63 -21.15
C ASP A 96 8.46 -16.69 -21.20
N GLY A 97 7.81 -15.60 -20.82
CA GLY A 97 6.36 -15.57 -20.86
C GLY A 97 5.88 -15.32 -22.27
N ARG A 98 4.81 -16.01 -22.68
CA ARG A 98 4.24 -15.88 -24.01
C ARG A 98 2.73 -15.76 -23.88
N ILE A 99 2.13 -14.94 -24.72
CA ILE A 99 0.69 -14.72 -24.63
C ILE A 99 -0.18 -15.71 -25.40
N LYS A 100 -1.17 -16.24 -24.69
CA LYS A 100 -2.15 -17.15 -25.28
C LYS A 100 -3.39 -16.26 -25.42
N TRP A 101 -3.76 -16.00 -26.67
CA TRP A 101 -4.92 -15.15 -26.95
C TRP A 101 -6.14 -15.59 -26.15
N PRO A 102 -6.85 -14.64 -25.53
CA PRO A 102 -6.61 -13.22 -25.59
C PRO A 102 -6.00 -12.66 -24.27
N ASN A 103 -6.08 -13.49 -23.18
CA ASN A 103 -5.79 -12.92 -21.85
C ASN A 103 -4.81 -13.73 -20.98
N ASP A 104 -4.23 -14.83 -21.54
CA ASP A 104 -3.34 -15.63 -20.67
C ASP A 104 -1.86 -15.49 -21.02
N VAL A 105 -1.01 -15.74 -20.04
CA VAL A 105 0.43 -15.75 -20.24
C VAL A 105 0.91 -17.12 -19.81
N LEU A 106 1.61 -17.80 -20.71
CA LEU A 106 2.12 -19.13 -20.42
C LEU A 106 3.63 -19.16 -20.48
N VAL A 107 4.20 -20.17 -19.82
CA VAL A 107 5.64 -20.39 -19.84
C VAL A 107 5.70 -21.89 -20.11
N ASN A 108 6.25 -22.26 -21.26
CA ASN A 108 6.32 -23.67 -21.65
C ASN A 108 4.92 -24.26 -21.69
N TYR A 109 3.98 -23.45 -22.19
CA TYR A 109 2.59 -23.83 -22.31
C TYR A 109 1.83 -24.05 -21.01
N LYS A 110 2.42 -23.60 -19.90
CA LYS A 110 1.77 -23.72 -18.60
C LYS A 110 1.38 -22.32 -18.16
N LYS A 111 0.14 -22.17 -17.71
CA LYS A 111 -0.37 -20.86 -17.30
C LYS A 111 0.30 -20.27 -16.06
N ILE A 112 0.87 -19.08 -16.21
CA ILE A 112 1.53 -18.42 -15.10
C ILE A 112 0.77 -17.16 -14.68
N ALA A 113 -0.07 -16.65 -15.57
CA ALA A 113 -0.85 -15.45 -15.26
C ALA A 113 -2.09 -15.32 -16.13
N GLY A 114 -3.09 -14.62 -15.60
CA GLY A 114 -4.32 -14.41 -16.32
C GLY A 114 -4.75 -12.97 -16.13
N VAL A 115 -5.44 -12.42 -17.14
CA VAL A 115 -5.91 -11.03 -17.11
C VAL A 115 -7.43 -11.00 -17.25
N LEU A 116 -8.09 -10.22 -16.40
CA LEU A 116 -9.54 -10.10 -16.43
C LEU A 116 -9.95 -8.63 -16.43
N VAL A 117 -10.44 -8.17 -17.57
CA VAL A 117 -10.86 -6.79 -17.71
C VAL A 117 -12.39 -6.71 -17.63
N GLU A 118 -12.88 -5.81 -16.79
CA GLU A 118 -14.31 -5.62 -16.64
C GLU A 118 -14.61 -4.13 -16.75
N GLY A 119 -15.63 -3.79 -17.54
CA GLY A 119 -15.94 -2.39 -17.70
C GLY A 119 -17.41 -2.06 -17.69
N LYS A 120 -17.76 -0.98 -17.00
CA LYS A 120 -19.13 -0.54 -16.91
C LYS A 120 -19.13 0.96 -17.14
N GLY A 121 -19.35 1.36 -18.39
CA GLY A 121 -19.36 2.77 -18.73
C GLY A 121 -17.97 3.33 -18.85
N ASP A 122 -17.68 4.37 -18.08
CA ASP A 122 -16.38 5.03 -18.11
C ASP A 122 -15.29 4.24 -17.38
N LYS A 123 -15.68 3.62 -16.27
CA LYS A 123 -14.77 2.86 -15.43
C LYS A 123 -14.38 1.48 -15.94
N ILE A 124 -13.08 1.27 -16.13
CA ILE A 124 -12.56 -0.01 -16.60
C ILE A 124 -11.65 -0.57 -15.52
N VAL A 125 -11.88 -1.83 -15.14
CA VAL A 125 -11.05 -2.45 -14.12
C VAL A 125 -10.18 -3.51 -14.80
N LEU A 126 -8.87 -3.35 -14.67
CA LEU A 126 -7.90 -4.29 -15.24
C LEU A 126 -7.37 -5.19 -14.14
N GLY A 127 -7.80 -6.45 -14.14
CA GLY A 127 -7.35 -7.38 -13.12
C GLY A 127 -6.26 -8.30 -13.64
N ILE A 128 -5.26 -8.55 -12.80
CA ILE A 128 -4.15 -9.40 -13.18
C ILE A 128 -3.81 -10.34 -12.02
N GLY A 129 -3.70 -11.61 -12.34
CA GLY A 129 -3.32 -12.62 -11.36
C GLY A 129 -2.06 -13.25 -11.89
N LEU A 130 -0.98 -13.20 -11.11
CA LEU A 130 0.31 -13.77 -11.52
C LEU A 130 0.85 -14.69 -10.43
N ASN A 131 1.12 -15.93 -10.80
CA ASN A 131 1.66 -16.90 -9.84
C ASN A 131 3.15 -16.61 -9.63
N VAL A 132 3.50 -16.26 -8.40
CA VAL A 132 4.89 -15.95 -8.07
C VAL A 132 5.51 -17.05 -7.19
N ASN A 133 5.20 -17.02 -5.89
CA ASN A 133 5.75 -18.02 -4.97
C ASN A 133 4.71 -18.98 -4.41
N ASN A 134 3.47 -18.81 -4.85
CA ASN A 134 2.36 -19.65 -4.40
C ASN A 134 2.30 -21.01 -5.05
N LYS A 135 1.61 -21.94 -4.39
CA LYS A 135 1.41 -23.27 -4.96
C LYS A 135 0.37 -23.01 -6.06
N VAL A 136 0.39 -23.85 -7.10
CA VAL A 136 -0.54 -23.68 -8.22
C VAL A 136 -1.23 -24.98 -8.60
N PRO A 137 -2.37 -24.88 -9.31
CA PRO A 137 -3.11 -26.07 -9.73
C PRO A 137 -2.43 -26.73 -10.93
N ASN A 138 -2.95 -27.87 -11.35
CA ASN A 138 -2.38 -28.56 -12.51
C ASN A 138 -2.76 -27.74 -13.74
N GLY A 139 -1.82 -27.62 -14.68
CA GLY A 139 -2.08 -26.84 -15.87
C GLY A 139 -1.45 -25.47 -15.74
N ALA A 140 -0.90 -25.20 -14.55
CA ALA A 140 -0.27 -23.92 -14.28
C ALA A 140 1.17 -24.03 -13.78
N THR A 141 1.83 -22.88 -13.69
CA THR A 141 3.19 -22.80 -13.21
C THR A 141 3.34 -21.47 -12.46
N SER A 142 4.53 -21.19 -11.94
CA SER A 142 4.79 -19.97 -11.18
C SER A 142 6.21 -19.49 -11.42
N LYS A 144 8.45 -18.91 -9.20
CA LYS A 144 9.31 -19.69 -8.32
C LYS A 144 9.63 -21.04 -8.94
N LEU A 145 8.62 -21.69 -9.49
CA LEU A 145 8.81 -23.00 -10.11
C LEU A 145 9.70 -22.91 -11.34
N GLU A 146 9.55 -21.83 -12.11
CA GLU A 146 10.36 -21.66 -13.31
C GLU A 146 11.82 -21.31 -13.02
N LEU A 147 12.03 -20.45 -12.03
CA LEU A 147 13.39 -20.05 -11.67
C LEU A 147 14.05 -20.98 -10.66
N GLY A 148 13.24 -21.78 -9.99
CA GLY A 148 13.77 -22.72 -9.01
C GLY A 148 14.15 -22.05 -7.70
N SER A 149 13.58 -20.86 -7.47
CA SER A 149 13.86 -20.10 -6.26
C SER A 149 12.78 -19.04 -6.02
N GLU A 150 12.62 -18.66 -4.76
CA GLU A 150 11.64 -17.65 -4.36
C GLU A 150 11.99 -16.29 -4.95
N VAL A 151 10.96 -15.53 -5.31
CA VAL A 151 11.15 -14.21 -5.89
C VAL A 151 10.47 -13.16 -5.00
N PRO A 152 11.17 -12.04 -4.73
CA PRO A 152 10.62 -10.97 -3.89
C PRO A 152 9.34 -10.43 -4.51
N LEU A 153 8.22 -10.74 -3.88
CA LEU A 153 6.91 -10.31 -4.38
C LEU A 153 6.81 -8.81 -4.64
N LEU A 154 7.38 -8.01 -3.75
CA LEU A 154 7.33 -6.55 -3.91
C LEU A 154 8.12 -6.10 -5.15
N SER A 155 9.21 -6.81 -5.45
CA SER A 155 10.01 -6.46 -6.61
C SER A 155 9.22 -6.72 -7.88
N VAL A 156 8.41 -7.78 -7.87
CA VAL A 156 7.59 -8.11 -9.03
C VAL A 156 6.52 -7.02 -9.16
N PHE A 157 5.93 -6.64 -8.02
CA PHE A 157 4.90 -5.59 -8.01
C PHE A 157 5.45 -4.29 -8.60
N ARG A 158 6.61 -3.85 -8.11
CA ARG A 158 7.21 -2.61 -8.59
C ARG A 158 7.47 -2.67 -10.10
N SER A 159 8.05 -3.78 -10.55
CA SER A 159 8.34 -3.95 -11.97
C SER A 159 7.07 -3.90 -12.82
N LEU A 160 6.06 -4.65 -12.41
CA LEU A 160 4.81 -4.69 -13.16
C LEU A 160 4.12 -3.35 -13.23
N ILE A 161 4.01 -2.66 -12.10
CA ILE A 161 3.35 -1.35 -12.08
C ILE A 161 4.08 -0.36 -12.98
N THR A 162 5.40 -0.40 -12.96
CA THR A 162 6.19 0.49 -13.82
C THR A 162 5.91 0.20 -15.28
N ASN A 163 5.92 -1.07 -15.66
CA ASN A 163 5.66 -1.44 -17.05
C ASN A 163 4.24 -1.05 -17.47
N LEU A 164 3.26 -1.32 -16.61
CA LEU A 164 1.87 -1.03 -16.93
C LEU A 164 1.63 0.47 -17.09
N ASP A 165 2.24 1.27 -16.23
CA ASP A 165 2.08 2.72 -16.32
C ASP A 165 2.59 3.22 -17.67
N ARG A 166 3.77 2.73 -18.07
CA ARG A 166 4.37 3.14 -19.35
C ARG A 166 3.49 2.73 -20.53
N LEU A 167 3.03 1.48 -20.51
CA LEU A 167 2.18 0.97 -21.58
C LEU A 167 0.86 1.74 -21.65
N TYR A 168 0.27 2.04 -20.49
CA TYR A 168 -0.99 2.74 -20.46
C TYR A 168 -0.89 4.17 -21.00
N LEU A 169 0.15 4.89 -20.59
CA LEU A 169 0.34 6.27 -21.05
C LEU A 169 0.49 6.30 -22.56
N ASN A 170 1.22 5.33 -23.12
CA ASN A 170 1.42 5.30 -24.55
C ASN A 170 0.15 4.85 -25.28
N PHE A 171 -0.66 4.03 -24.61
CA PHE A 171 -1.91 3.55 -25.20
C PHE A 171 -2.90 4.70 -25.36
N LEU A 172 -2.88 5.64 -24.42
CA LEU A 172 -3.77 6.79 -24.48
C LEU A 172 -3.40 7.64 -25.70
N LYS A 173 -2.12 7.63 -26.05
CA LYS A 173 -1.62 8.39 -27.19
C LYS A 173 -1.76 7.61 -28.49
N ASN A 174 -1.09 6.46 -28.54
CA ASN A 174 -1.07 5.61 -29.71
C ASN A 174 -1.65 4.23 -29.38
N PRO A 175 -3.00 4.11 -29.43
CA PRO A 175 -3.80 2.92 -29.15
C PRO A 175 -3.42 1.65 -29.90
N ASP A 177 -0.24 0.88 -30.92
CA ASP A 177 1.12 0.45 -30.59
C ASP A 177 1.13 -0.86 -29.81
N ILE A 178 0.16 -1.02 -28.92
CA ILE A 178 0.10 -2.23 -28.10
C ILE A 178 -0.05 -3.49 -28.95
N LEU A 179 -0.77 -3.39 -30.05
CA LEU A 179 -0.98 -4.55 -30.91
C LEU A 179 0.34 -5.13 -31.43
N ASN A 180 1.28 -4.26 -31.75
CA ASN A 180 2.58 -4.71 -32.24
C ASN A 180 3.32 -5.50 -31.15
N LEU A 181 3.20 -5.02 -29.91
CA LEU A 181 3.84 -5.66 -28.79
C LEU A 181 3.22 -7.03 -28.51
N VAL A 182 1.91 -7.12 -28.65
CA VAL A 182 1.21 -8.39 -28.43
C VAL A 182 1.68 -9.39 -29.46
N ARG A 183 1.63 -8.97 -30.73
CA ARG A 183 2.02 -9.80 -31.85
C ARG A 183 3.41 -10.41 -31.65
N ASP A 184 4.34 -9.60 -31.17
CA ASP A 184 5.72 -10.06 -30.96
C ASP A 184 5.88 -11.00 -29.74
N ASN A 185 4.84 -11.05 -28.88
CA ASN A 185 4.93 -11.89 -27.68
C ASN A 185 3.83 -12.93 -27.59
N ILE A 187 1.75 -16.48 -28.84
CA ILE A 187 1.98 -17.82 -29.39
C ILE A 187 1.19 -17.88 -30.69
N LEU A 188 1.91 -18.04 -31.81
CA LEU A 188 1.26 -18.10 -33.12
C LEU A 188 1.93 -19.16 -33.98
N GLY A 189 1.33 -19.42 -35.14
CA GLY A 189 1.89 -20.40 -36.06
C GLY A 189 1.61 -21.84 -35.66
N VAL A 190 0.74 -22.04 -34.68
CA VAL A 190 0.40 -23.38 -34.23
C VAL A 190 -1.09 -23.61 -34.37
N ARG A 191 -1.49 -24.88 -34.40
CA ARG A 191 -2.89 -25.23 -34.55
C ARG A 191 -3.61 -25.05 -33.22
N VAL A 192 -4.81 -24.49 -33.27
CA VAL A 192 -5.59 -24.27 -32.07
C VAL A 192 -7.04 -24.63 -32.30
N LYS A 193 -7.77 -24.79 -31.19
CA LYS A 193 -9.19 -25.10 -31.26
C LYS A 193 -9.90 -23.93 -30.63
N ILE A 194 -10.89 -23.39 -31.33
CA ILE A 194 -11.65 -22.27 -30.81
C ILE A 194 -12.98 -22.77 -30.25
N LEU A 195 -13.18 -22.53 -28.95
CA LEU A 195 -14.40 -22.97 -28.29
C LEU A 195 -15.36 -21.82 -28.00
N GLY A 196 -16.54 -21.88 -28.61
CA GLY A 196 -17.54 -20.86 -28.41
C GLY A 196 -18.88 -21.45 -28.78
N ASP A 197 -19.59 -20.82 -29.70
CA ASP A 197 -20.88 -21.34 -30.14
C ASP A 197 -20.52 -22.46 -31.12
N GLY A 198 -20.12 -23.60 -30.56
CA GLY A 198 -19.71 -24.73 -31.36
C GLY A 198 -18.20 -24.81 -31.20
N SER A 199 -17.48 -24.92 -32.31
CA SER A 199 -16.02 -25.00 -32.27
C SER A 199 -15.44 -25.31 -33.65
N PHE A 200 -14.20 -24.87 -33.85
CA PHE A 200 -13.50 -25.13 -35.10
C PHE A 200 -12.01 -25.07 -34.84
N GLU A 201 -11.23 -25.69 -35.72
CA GLU A 201 -9.79 -25.72 -35.56
C GLU A 201 -9.10 -25.07 -36.76
N GLY A 202 -7.88 -24.59 -36.52
CA GLY A 202 -7.12 -23.97 -37.58
C GLY A 202 -5.81 -23.44 -37.03
N ILE A 203 -5.01 -22.82 -37.89
CA ILE A 203 -3.73 -22.27 -37.46
C ILE A 203 -3.94 -20.83 -36.99
N ALA A 204 -3.43 -20.52 -35.80
CA ALA A 204 -3.53 -19.16 -35.27
C ALA A 204 -2.44 -18.39 -36.00
N GLU A 205 -2.85 -17.61 -36.99
CA GLU A 205 -1.90 -16.85 -37.81
C GLU A 205 -1.38 -15.55 -37.22
N ASP A 206 -2.28 -14.77 -36.65
CA ASP A 206 -1.89 -13.47 -36.10
C ASP A 206 -3.12 -12.77 -35.54
N ILE A 207 -2.95 -11.53 -35.08
CA ILE A 207 -4.08 -10.74 -34.59
C ILE A 207 -4.17 -9.57 -35.55
N ASP A 208 -5.38 -9.13 -35.87
CA ASP A 208 -5.53 -8.02 -36.80
C ASP A 208 -5.51 -6.67 -36.11
N ASP A 209 -5.82 -5.63 -36.88
CA ASP A 209 -5.81 -4.26 -36.37
C ASP A 209 -6.82 -3.98 -35.26
N PHE A 210 -7.70 -4.93 -34.97
CA PHE A 210 -8.69 -4.77 -33.91
C PHE A 210 -8.41 -5.73 -32.77
N GLY A 211 -7.36 -6.53 -32.90
CA GLY A 211 -7.02 -7.48 -31.85
C GLY A 211 -7.77 -8.79 -32.03
N ARG A 212 -8.41 -8.98 -33.17
CA ARG A 212 -9.13 -10.22 -33.41
C ARG A 212 -8.13 -11.30 -33.79
N LEU A 213 -8.34 -12.53 -33.32
CA LEU A 213 -7.44 -13.62 -33.65
C LEU A 213 -7.79 -14.12 -35.03
N ILE A 214 -6.79 -14.21 -35.91
CA ILE A 214 -6.99 -14.68 -37.27
C ILE A 214 -6.65 -16.17 -37.35
N ILE A 215 -7.64 -16.97 -37.73
CA ILE A 215 -7.45 -18.42 -37.83
C ILE A 215 -7.66 -18.87 -39.26
N ARG A 216 -6.74 -19.71 -39.75
CA ARG A 216 -6.85 -20.25 -41.09
C ARG A 216 -7.28 -21.72 -40.95
N LEU A 217 -8.49 -22.02 -41.39
CA LEU A 217 -9.00 -23.39 -41.32
C LEU A 217 -8.32 -24.19 -42.44
N ASP A 218 -8.32 -25.51 -42.32
CA ASP A 218 -7.67 -26.35 -43.32
C ASP A 218 -8.18 -26.11 -44.74
N SER A 219 -9.45 -25.71 -44.85
CA SER A 219 -10.06 -25.45 -46.15
C SER A 219 -9.53 -24.17 -46.77
N GLY A 220 -8.90 -23.33 -45.94
CA GLY A 220 -8.38 -22.07 -46.45
C GLY A 220 -9.25 -20.94 -45.97
N GLU A 221 -10.41 -21.27 -45.41
CA GLU A 221 -11.31 -20.26 -44.90
C GLU A 221 -10.62 -19.51 -43.76
N VAL A 222 -10.84 -18.20 -43.71
CA VAL A 222 -10.25 -17.38 -42.67
C VAL A 222 -11.36 -16.92 -41.72
N LYS A 223 -11.15 -17.17 -40.44
CA LYS A 223 -12.10 -16.78 -39.41
C LYS A 223 -11.42 -15.73 -38.54
N LYS A 224 -12.19 -14.75 -38.07
CA LYS A 224 -11.66 -13.70 -37.21
C LYS A 224 -12.39 -13.80 -35.90
N VAL A 225 -11.68 -14.23 -34.86
CA VAL A 225 -12.27 -14.41 -33.54
C VAL A 225 -12.24 -13.14 -32.71
N ILE A 226 -13.41 -12.72 -32.25
CA ILE A 226 -13.55 -11.52 -31.44
C ILE A 226 -13.54 -11.88 -29.96
N TYR A 227 -12.89 -11.03 -29.16
CA TYR A 227 -12.80 -11.23 -27.73
C TYR A 227 -14.21 -11.29 -27.15
N GLY A 228 -14.47 -12.30 -26.34
CA GLY A 228 -15.79 -12.44 -25.74
C GLY A 228 -15.96 -13.80 -25.11
N ASP A 229 -17.16 -14.36 -25.24
CA ASP A 229 -17.47 -15.67 -24.67
C ASP A 229 -16.90 -16.76 -25.57
N VAL A 230 -15.59 -16.79 -25.66
CA VAL A 230 -14.89 -17.78 -26.49
C VAL A 230 -13.57 -18.13 -25.84
N SER A 231 -13.19 -19.40 -25.94
CA SER A 231 -11.93 -19.87 -25.35
C SER A 231 -11.05 -20.50 -26.42
N LEU A 232 -9.75 -20.56 -26.14
CA LEU A 232 -8.79 -21.14 -27.07
C LEU A 232 -8.09 -22.34 -26.45
N ARG A 233 -7.96 -23.41 -27.21
CA ARG A 233 -7.31 -24.63 -26.74
C ARG A 233 -6.21 -25.03 -27.71
N PHE A 234 -5.01 -25.28 -27.20
CA PHE A 234 -3.91 -25.69 -28.04
C PHE A 234 -4.00 -27.19 -28.27
N LEU A 235 -3.67 -27.62 -29.48
CA LEU A 235 -3.72 -29.02 -29.85
C LEU A 235 -2.35 -29.66 -29.69
N LEU B 2 2.33 -7.09 0.41
CA LEU B 2 3.22 -6.67 1.50
C LEU B 2 3.38 -7.80 2.51
N GLY B 3 2.40 -8.70 2.54
CA GLY B 3 2.46 -9.82 3.46
C GLY B 3 2.54 -9.46 4.93
N LEU B 4 1.80 -8.44 5.35
CA LEU B 4 1.81 -8.05 6.75
C LEU B 4 1.13 -9.15 7.58
N LYS B 5 1.66 -9.42 8.76
CA LYS B 5 1.12 -10.45 9.63
C LYS B 5 0.46 -9.93 10.90
N THR B 6 0.25 -8.63 10.96
CA THR B 6 -0.38 -8.00 12.12
C THR B 6 -1.83 -8.42 12.24
N SER B 7 -2.38 -8.28 13.45
CA SER B 7 -3.77 -8.66 13.71
C SER B 7 -4.79 -7.59 13.36
N ILE B 8 -4.55 -6.35 13.79
CA ILE B 8 -5.49 -5.26 13.52
C ILE B 8 -4.88 -4.13 12.71
N ILE B 9 -3.81 -3.54 13.24
CA ILE B 9 -3.18 -2.43 12.54
C ILE B 9 -2.43 -2.94 11.33
N GLY B 10 -2.89 -2.53 10.15
CA GLY B 10 -2.24 -2.95 8.93
C GLY B 10 -3.03 -4.00 8.17
N ARG B 11 -4.26 -4.28 8.60
CA ARG B 11 -5.11 -5.24 7.90
C ARG B 11 -5.32 -4.69 6.50
N ARG B 12 -5.30 -3.37 6.39
CA ARG B 12 -5.44 -2.65 5.12
C ARG B 12 -4.53 -1.45 5.17
N VAL B 13 -3.89 -1.14 4.04
CA VAL B 13 -3.01 0.01 3.96
C VAL B 13 -3.32 0.78 2.69
N ILE B 14 -3.53 2.09 2.82
CA ILE B 14 -3.80 2.91 1.66
C ILE B 14 -2.60 3.84 1.48
N TYR B 15 -1.90 3.65 0.37
CA TYR B 15 -0.71 4.43 0.04
C TYR B 15 -0.99 5.51 -1.00
N PHE B 16 -0.39 6.68 -0.78
CA PHE B 16 -0.51 7.83 -1.68
C PHE B 16 0.88 8.31 -2.09
N GLN B 17 1.07 8.57 -3.39
CA GLN B 17 2.31 9.24 -3.77
C GLN B 17 2.39 10.63 -3.12
N GLU B 18 1.25 11.33 -3.19
CA GLU B 18 1.11 12.64 -2.56
C GLU B 18 -0.29 12.80 -1.96
N ILE B 19 -0.37 13.51 -0.84
CA ILE B 19 -1.65 13.73 -0.18
C ILE B 19 -1.56 15.05 0.57
N THR B 20 -2.70 15.63 0.92
CA THR B 20 -2.68 16.88 1.67
C THR B 20 -2.26 16.53 3.09
N SER B 21 -2.96 15.59 3.70
CA SER B 21 -2.68 15.14 5.07
C SER B 21 -3.28 13.76 5.32
N THR B 22 -2.48 12.84 5.83
CA THR B 22 -2.99 11.49 6.10
C THR B 22 -4.02 11.53 7.23
N ASN B 23 -3.85 12.45 8.18
CA ASN B 23 -4.79 12.56 9.27
C ASN B 23 -6.13 13.06 8.75
N GLU B 24 -6.10 14.04 7.87
CA GLU B 24 -7.34 14.58 7.32
C GLU B 24 -8.08 13.53 6.51
N PHE B 25 -7.36 12.79 5.67
CA PHE B 25 -8.00 11.76 4.86
C PHE B 25 -8.64 10.71 5.75
N ALA B 26 -7.92 10.29 6.80
CA ALA B 26 -8.42 9.27 7.71
C ALA B 26 -9.68 9.72 8.44
N LYS B 27 -9.75 11.01 8.79
CA LYS B 27 -10.90 11.54 9.50
C LYS B 27 -12.15 11.66 8.64
N THR B 28 -11.98 12.07 7.40
CA THR B 28 -13.11 12.27 6.49
C THR B 28 -13.51 11.09 5.60
N SER B 29 -12.88 9.94 5.79
CA SER B 29 -13.20 8.77 4.98
C SER B 29 -13.62 7.59 5.84
N TYR B 30 -14.62 6.83 5.39
CA TYR B 30 -15.02 5.67 6.17
C TYR B 30 -13.96 4.60 5.94
N LEU B 31 -13.32 4.18 7.02
CA LEU B 31 -12.26 3.18 6.95
C LEU B 31 -12.39 2.22 8.12
N GLU B 32 -12.16 0.94 7.88
CA GLU B 32 -12.27 -0.04 8.96
C GLU B 32 -11.13 0.13 9.95
N GLU B 33 -11.37 -0.29 11.19
CA GLU B 33 -10.36 -0.19 12.23
C GLU B 33 -9.08 -0.88 11.77
N GLY B 34 -7.94 -0.25 12.07
CA GLY B 34 -6.66 -0.83 11.69
C GLY B 34 -6.12 -0.35 10.36
N THR B 35 -6.93 0.36 9.58
CA THR B 35 -6.48 0.86 8.29
C THR B 35 -5.36 1.88 8.48
N VAL B 36 -4.30 1.71 7.72
CA VAL B 36 -3.17 2.62 7.79
C VAL B 36 -3.15 3.46 6.52
N ILE B 37 -3.03 4.78 6.69
CA ILE B 37 -2.97 5.69 5.55
C ILE B 37 -1.52 6.19 5.54
N VAL B 38 -0.80 5.98 4.43
CA VAL B 38 0.59 6.41 4.35
C VAL B 38 0.86 7.13 3.02
N ALA B 39 1.74 8.13 3.05
CA ALA B 39 2.03 8.90 1.83
C ALA B 39 3.50 9.27 1.72
N ASP B 40 4.01 9.32 0.49
CA ASP B 40 5.41 9.68 0.28
C ASP B 40 5.66 11.10 0.76
N LYS B 41 4.68 11.98 0.56
CA LYS B 41 4.78 13.36 0.98
C LYS B 41 3.42 13.95 1.26
N GLN B 42 3.38 14.94 2.15
CA GLN B 42 2.14 15.62 2.50
C GLN B 42 2.32 17.09 2.11
N THR B 43 1.30 17.67 1.50
CA THR B 43 1.35 19.06 1.07
C THR B 43 0.74 19.99 2.12
N GLY B 45 0.64 18.91 5.76
CA GLY B 45 0.83 18.20 7.00
C GLY B 45 0.71 19.14 8.19
N HIS B 46 0.21 18.65 9.30
CA HIS B 46 0.06 19.49 10.48
C HIS B 46 0.44 18.81 11.79
N GLY B 47 0.79 19.61 12.78
CA GLY B 47 1.20 19.08 14.07
C GLY B 47 0.19 19.32 15.19
N ARG B 48 0.58 18.95 16.40
CA ARG B 48 -0.26 19.08 17.58
C ARG B 48 -0.64 20.53 17.90
N LEU B 49 0.37 21.37 18.03
CA LEU B 49 0.16 22.78 18.35
C LEU B 49 -0.50 23.55 17.20
N ASN B 50 -1.39 22.88 16.49
CA ASN B 50 -2.09 23.50 15.36
C ASN B 50 -1.09 24.19 14.43
N ARG B 51 0.10 23.61 14.34
CA ARG B 51 1.17 24.16 13.50
C ARG B 51 1.38 23.29 12.25
N LYS B 52 2.17 23.80 11.32
CA LYS B 52 2.47 23.06 10.09
C LYS B 52 3.56 22.03 10.34
N TRP B 53 3.50 20.92 9.60
CA TRP B 53 4.49 19.86 9.74
C TRP B 53 5.10 19.48 8.39
N GLU B 54 6.35 19.89 8.20
CA GLU B 54 7.06 19.59 6.95
C GLU B 54 7.05 18.09 6.69
N SER B 55 6.57 17.69 5.52
CA SER B 55 6.50 16.28 5.18
C SER B 55 7.09 15.95 3.81
N PRO B 56 8.38 16.24 3.61
CA PRO B 56 9.04 15.98 2.33
C PRO B 56 9.28 14.50 2.07
N GLU B 57 9.60 14.18 0.83
CA GLU B 57 9.89 12.81 0.44
C GLU B 57 11.07 12.29 1.25
N GLY B 58 10.96 11.04 1.71
CA GLY B 58 12.02 10.45 2.49
C GLY B 58 11.62 10.13 3.92
N GLY B 59 10.54 10.75 4.38
CA GLY B 59 10.08 10.50 5.73
C GLY B 59 8.92 9.53 5.77
N LEU B 60 8.54 9.10 6.98
CA LEU B 60 7.43 8.18 7.14
C LEU B 60 6.26 8.99 7.71
N TRP B 61 5.26 9.21 6.87
CA TRP B 61 4.09 10.01 7.23
C TRP B 61 2.86 9.10 7.18
N LEU B 62 2.30 8.77 8.33
CA LEU B 62 1.14 7.89 8.33
C LEU B 62 0.13 8.16 9.42
N SER B 63 -1.06 7.61 9.23
CA SER B 63 -2.16 7.73 10.17
C SER B 63 -2.81 6.36 10.30
N ILE B 64 -3.30 6.04 11.50
CA ILE B 64 -3.93 4.75 11.74
C ILE B 64 -5.32 4.97 12.31
N VAL B 65 -6.30 4.26 11.78
CA VAL B 65 -7.68 4.36 12.23
C VAL B 65 -7.92 3.39 13.38
N LEU B 66 -8.37 3.91 14.52
CA LEU B 66 -8.62 3.06 15.67
C LEU B 66 -10.04 3.28 16.20
N SER B 67 -10.56 2.29 16.91
CA SER B 67 -11.89 2.41 17.50
C SER B 67 -11.89 1.55 18.76
N PRO B 68 -10.93 1.80 19.66
CA PRO B 68 -10.77 1.08 20.92
C PRO B 68 -12.01 1.18 21.79
N LYS B 69 -12.24 2.39 22.27
CA LYS B 69 -13.40 2.68 23.11
C LYS B 69 -13.42 1.86 24.39
N VAL B 70 -12.36 2.09 25.13
CA VAL B 70 -12.03 1.48 26.39
C VAL B 70 -12.75 2.44 27.33
N PRO B 71 -12.63 2.28 28.68
CA PRO B 71 -13.35 3.31 29.45
C PRO B 71 -12.75 4.48 28.70
N GLN B 72 -13.50 5.56 28.60
CA GLN B 72 -13.25 6.79 27.89
C GLN B 72 -12.12 7.82 28.18
N LYS B 73 -11.23 7.49 29.08
CA LYS B 73 -10.23 8.44 29.49
C LYS B 73 -8.80 7.96 29.40
N ASP B 74 -8.64 6.87 28.66
CA ASP B 74 -7.36 6.26 28.38
C ASP B 74 -7.04 6.80 26.99
N LEU B 75 -7.54 8.01 26.71
CA LEU B 75 -7.41 8.68 25.43
C LEU B 75 -5.99 9.22 25.22
N PRO B 76 -5.45 9.98 26.19
CA PRO B 76 -4.10 10.49 25.98
C PRO B 76 -3.12 9.32 25.88
N LYS B 77 -3.59 8.13 26.25
CA LYS B 77 -2.72 6.97 26.20
C LYS B 77 -2.47 6.57 24.75
N ILE B 78 -3.40 6.90 23.86
CA ILE B 78 -3.23 6.55 22.45
C ILE B 78 -2.02 7.27 21.89
N VAL B 79 -1.84 8.53 22.27
CA VAL B 79 -0.67 9.27 21.79
C VAL B 79 0.57 8.57 22.28
N PHE B 80 0.53 8.06 23.51
CA PHE B 80 1.67 7.37 24.09
C PHE B 80 1.98 6.07 23.34
N LEU B 81 0.96 5.41 22.82
CA LEU B 81 1.16 4.18 22.06
C LEU B 81 2.00 4.53 20.84
N GLY B 82 1.68 5.65 20.21
CA GLY B 82 2.41 6.08 19.04
C GLY B 82 3.85 6.41 19.37
N ALA B 83 4.06 7.17 20.44
CA ALA B 83 5.40 7.55 20.86
C ALA B 83 6.25 6.33 21.24
N VAL B 84 5.69 5.42 22.02
CA VAL B 84 6.44 4.23 22.42
C VAL B 84 6.75 3.36 21.20
N GLY B 85 5.80 3.25 20.27
CA GLY B 85 6.02 2.46 19.08
C GLY B 85 7.23 2.98 18.32
N VAL B 86 7.31 4.31 18.21
CA VAL B 86 8.45 4.92 17.51
C VAL B 86 9.74 4.63 18.27
N VAL B 87 9.72 4.78 19.60
CA VAL B 87 10.91 4.51 20.39
C VAL B 87 11.39 3.06 20.18
N GLU B 88 10.45 2.11 20.17
CA GLU B 88 10.80 0.70 19.97
C GLU B 88 11.40 0.45 18.60
N THR B 89 10.85 1.12 17.58
CA THR B 89 11.35 0.95 16.23
C THR B 89 12.76 1.54 16.10
N LEU B 90 12.95 2.72 16.68
CA LEU B 90 14.26 3.36 16.63
C LEU B 90 15.32 2.47 17.27
N LYS B 91 14.96 1.81 18.37
CA LYS B 91 15.90 0.94 19.05
C LYS B 91 16.32 -0.22 18.14
N GLU B 92 15.37 -0.72 17.35
CA GLU B 92 15.65 -1.81 16.43
C GLU B 92 16.68 -1.38 15.39
N PHE B 93 16.76 -0.09 15.13
CA PHE B 93 17.70 0.43 14.16
C PHE B 93 18.92 1.07 14.83
N SER B 94 19.12 0.72 16.10
CA SER B 94 20.25 1.21 16.88
C SER B 94 20.23 2.69 17.24
N ILE B 95 19.03 3.24 17.40
CA ILE B 95 18.86 4.64 17.75
C ILE B 95 18.13 4.76 19.09
N ASP B 96 18.69 5.55 20.00
CA ASP B 96 18.08 5.74 21.31
C ASP B 96 17.20 6.99 21.37
N GLY B 97 15.90 6.79 21.22
CA GLY B 97 14.97 7.90 21.27
C GLY B 97 14.33 8.01 22.63
N ARG B 98 14.02 9.24 23.04
CA ARG B 98 13.38 9.48 24.32
C ARG B 98 12.18 10.39 24.10
N ILE B 99 11.14 10.16 24.88
CA ILE B 99 9.91 10.93 24.72
C ILE B 99 9.87 12.26 25.45
N LYS B 100 9.50 13.31 24.72
CA LYS B 100 9.33 14.63 25.30
C LYS B 100 7.82 14.75 25.42
N TRP B 101 7.32 14.76 26.65
CA TRP B 101 5.90 14.86 26.92
C TRP B 101 5.29 15.98 26.10
N PRO B 102 4.13 15.73 25.47
CA PRO B 102 3.46 14.43 25.55
C PRO B 102 3.46 13.64 24.25
N ASN B 103 4.01 14.21 23.18
CA ASN B 103 3.95 13.55 21.89
C ASN B 103 5.17 13.57 20.98
N ASP B 104 6.31 14.03 21.48
CA ASP B 104 7.50 14.08 20.64
C ASP B 104 8.56 13.06 21.04
N VAL B 105 9.35 12.63 20.06
CA VAL B 105 10.43 11.71 20.33
C VAL B 105 11.71 12.42 19.91
N LEU B 106 12.66 12.50 20.84
CA LEU B 106 13.92 13.16 20.57
C LEU B 106 15.09 12.20 20.64
N VAL B 107 16.15 12.53 19.91
CA VAL B 107 17.38 11.76 19.93
C VAL B 107 18.44 12.81 20.25
N ASN B 108 19.07 12.67 21.41
CA ASN B 108 20.07 13.63 21.87
C ASN B 108 19.45 15.02 21.86
N TYR B 109 18.19 15.10 22.30
CA TYR B 109 17.44 16.34 22.39
C TYR B 109 17.01 16.99 21.07
N LYS B 110 17.20 16.29 19.96
CA LYS B 110 16.79 16.79 18.66
C LYS B 110 15.54 16.00 18.24
N LYS B 111 14.50 16.70 17.81
CA LYS B 111 13.25 16.04 17.41
C LYS B 111 13.40 15.16 16.18
N ILE B 112 12.97 13.90 16.30
CA ILE B 112 13.04 12.97 15.18
C ILE B 112 11.64 12.52 14.76
N ALA B 113 10.67 12.67 15.65
CA ALA B 113 9.29 12.27 15.34
C ALA B 113 8.26 13.01 16.19
N GLY B 114 7.04 13.04 15.68
CA GLY B 114 5.94 13.69 16.38
C GLY B 114 4.67 12.88 16.20
N VAL B 115 3.81 12.88 17.21
CA VAL B 115 2.56 12.14 17.17
C VAL B 115 1.37 13.09 17.33
N LEU B 116 0.36 12.90 16.49
CA LEU B 116 -0.84 13.74 16.54
C LEU B 116 -2.09 12.86 16.53
N VAL B 117 -2.82 12.87 17.64
CA VAL B 117 -4.03 12.08 17.75
C VAL B 117 -5.28 12.95 17.70
N GLU B 118 -6.24 12.51 16.91
CA GLU B 118 -7.50 13.25 16.76
C GLU B 118 -8.63 12.24 16.85
N GLY B 119 -9.54 12.44 17.80
CA GLY B 119 -10.64 11.49 17.96
C GLY B 119 -11.92 11.94 17.24
N LYS B 120 -11.77 12.88 16.29
CA LYS B 120 -12.95 13.37 15.57
C LYS B 120 -13.86 12.22 15.12
N GLY B 121 -15.18 12.45 15.26
CA GLY B 121 -16.11 11.35 15.05
C GLY B 121 -16.09 10.42 16.26
N ASP B 122 -16.33 9.13 16.02
CA ASP B 122 -16.12 8.18 17.10
C ASP B 122 -14.90 7.31 16.84
N LYS B 123 -14.36 7.47 15.62
CA LYS B 123 -13.08 6.83 15.32
C LYS B 123 -11.94 7.68 15.87
N ILE B 124 -10.79 7.07 16.17
CA ILE B 124 -9.66 7.83 16.66
C ILE B 124 -8.59 7.67 15.61
N VAL B 125 -7.96 8.78 15.23
CA VAL B 125 -6.91 8.75 14.23
C VAL B 125 -5.56 9.02 14.87
N LEU B 126 -4.66 8.06 14.75
CA LEU B 126 -3.32 8.18 15.31
C LEU B 126 -2.35 8.54 14.20
N GLY B 127 -1.87 9.77 14.21
CA GLY B 127 -0.94 10.20 13.19
C GLY B 127 0.48 10.22 13.71
N ILE B 128 1.41 9.75 12.89
CA ILE B 128 2.81 9.71 13.27
C ILE B 128 3.70 10.20 12.12
N GLY B 129 4.57 11.13 12.42
CA GLY B 129 5.49 11.65 11.43
C GLY B 129 6.89 11.33 11.92
N LEU B 130 7.66 10.59 11.13
CA LEU B 130 9.01 10.21 11.52
C LEU B 130 10.03 10.58 10.46
N ASN B 131 11.05 11.32 10.85
CA ASN B 131 12.10 11.72 9.92
C ASN B 131 13.02 10.54 9.68
N VAL B 132 13.05 10.08 8.43
CA VAL B 132 13.89 8.95 8.07
C VAL B 132 15.02 9.38 7.15
N ASN B 133 14.73 9.59 5.86
CA ASN B 133 15.77 10.01 4.91
C ASN B 133 15.57 11.41 4.38
N ASN B 134 14.50 12.07 4.83
CA ASN B 134 14.17 13.42 4.39
C ASN B 134 15.02 14.50 5.02
N LYS B 135 15.06 15.66 4.36
CA LYS B 135 15.79 16.81 4.90
C LYS B 135 14.95 17.26 6.08
N VAL B 136 15.59 17.74 7.14
CA VAL B 136 14.87 18.19 8.32
C VAL B 136 15.20 19.61 8.72
N PRO B 137 14.28 20.28 9.43
CA PRO B 137 14.47 21.66 9.88
C PRO B 137 15.66 21.79 10.82
N ASN B 138 16.14 23.01 11.00
CA ASN B 138 17.27 23.25 11.89
C ASN B 138 16.88 22.81 13.30
N GLY B 139 17.77 22.10 13.97
CA GLY B 139 17.49 21.64 15.32
C GLY B 139 16.90 20.23 15.39
N ALA B 140 16.31 19.78 14.30
CA ALA B 140 15.72 18.45 14.26
C ALA B 140 16.73 17.44 13.72
N THR B 141 16.35 16.16 13.73
CA THR B 141 17.23 15.11 13.22
C THR B 141 16.43 14.06 12.47
N SER B 142 17.14 13.07 11.92
CA SER B 142 16.50 12.00 11.16
C SER B 142 17.27 10.71 11.36
N LYS B 144 18.51 8.90 9.15
CA LYS B 144 19.65 8.96 8.23
C LYS B 144 20.80 9.76 8.85
N LEU B 145 20.47 10.89 9.45
CA LEU B 145 21.49 11.74 10.08
C LEU B 145 22.11 11.04 11.29
N GLU B 146 21.28 10.30 12.03
CA GLU B 146 21.76 9.60 13.21
C GLU B 146 22.64 8.39 12.86
N LEU B 147 22.30 7.70 11.78
CA LEU B 147 23.04 6.52 11.35
C LEU B 147 24.10 6.82 10.30
N GLY B 148 24.00 7.99 9.68
CA GLY B 148 24.97 8.38 8.66
C GLY B 148 24.76 7.64 7.35
N SER B 149 23.60 7.01 7.19
CA SER B 149 23.29 6.28 5.98
C SER B 149 21.79 6.24 5.73
N GLU B 150 21.41 6.02 4.48
CA GLU B 150 20.00 5.95 4.11
C GLU B 150 19.40 4.69 4.70
N VAL B 151 18.17 4.80 5.18
CA VAL B 151 17.47 3.67 5.78
C VAL B 151 16.28 3.27 4.90
N PRO B 152 16.12 1.97 4.61
CA PRO B 152 15.02 1.51 3.78
C PRO B 152 13.69 1.89 4.43
N LEU B 153 12.96 2.80 3.80
CA LEU B 153 11.71 3.29 4.35
C LEU B 153 10.69 2.18 4.64
N LEU B 154 10.56 1.20 3.75
CA LEU B 154 9.61 0.13 3.99
C LEU B 154 9.98 -0.72 5.20
N SER B 155 11.27 -0.87 5.46
CA SER B 155 11.70 -1.66 6.62
C SER B 155 11.27 -0.95 7.89
N VAL B 156 11.33 0.38 7.88
CA VAL B 156 10.93 1.16 9.04
C VAL B 156 9.42 1.03 9.22
N PHE B 157 8.69 1.11 8.12
CA PHE B 157 7.23 0.99 8.12
C PHE B 157 6.82 -0.35 8.72
N ARG B 158 7.40 -1.44 8.23
CA ARG B 158 7.08 -2.77 8.73
C ARG B 158 7.35 -2.89 10.22
N SER B 159 8.49 -2.37 10.66
CA SER B 159 8.87 -2.41 12.06
C SER B 159 7.86 -1.66 12.94
N LEU B 160 7.52 -0.44 12.52
CA LEU B 160 6.60 0.38 13.28
C LEU B 160 5.20 -0.21 13.37
N ILE B 161 4.69 -0.69 12.24
CA ILE B 161 3.34 -1.27 12.22
C ILE B 161 3.29 -2.50 13.13
N THR B 162 4.35 -3.30 13.11
CA THR B 162 4.42 -4.48 13.95
C THR B 162 4.40 -4.09 15.43
N ASN B 163 5.19 -3.08 15.80
CA ASN B 163 5.22 -2.64 17.20
C ASN B 163 3.90 -2.04 17.64
N LEU B 164 3.31 -1.20 16.78
CA LEU B 164 2.04 -0.57 17.12
C LEU B 164 0.91 -1.59 17.26
N ASP B 165 0.88 -2.60 16.39
CA ASP B 165 -0.17 -3.60 16.49
C ASP B 165 -0.08 -4.32 17.84
N ARG B 166 1.14 -4.68 18.25
CA ARG B 166 1.35 -5.36 19.52
C ARG B 166 0.94 -4.47 20.69
N LEU B 167 1.41 -3.23 20.67
CA LEU B 167 1.07 -2.29 21.74
C LEU B 167 -0.44 -2.04 21.82
N TYR B 168 -1.09 -1.91 20.66
CA TYR B 168 -2.52 -1.65 20.63
C TYR B 168 -3.33 -2.84 21.14
N LEU B 169 -3.00 -4.05 20.69
CA LEU B 169 -3.72 -5.23 21.15
C LEU B 169 -3.62 -5.37 22.66
N ASN B 170 -2.45 -5.04 23.22
CA ASN B 170 -2.30 -5.15 24.66
C ASN B 170 -3.06 -4.03 25.38
N PHE B 171 -3.09 -2.86 24.75
CA PHE B 171 -3.78 -1.71 25.31
C PHE B 171 -5.26 -2.02 25.48
N LEU B 172 -5.82 -2.75 24.53
CA LEU B 172 -7.23 -3.11 24.58
C LEU B 172 -7.57 -3.99 25.78
N LYS B 173 -6.57 -4.73 26.27
CA LYS B 173 -6.79 -5.61 27.41
C LYS B 173 -6.23 -5.06 28.72
N ASN B 174 -5.05 -4.46 28.63
CA ASN B 174 -4.38 -3.90 29.80
C ASN B 174 -3.97 -2.45 29.52
N PRO B 175 -4.97 -1.55 29.44
CA PRO B 175 -4.75 -0.12 29.17
C PRO B 175 -3.77 0.63 30.05
N ASP B 177 -0.82 -0.55 31.17
CA ASP B 177 0.57 -0.91 30.85
C ASP B 177 1.36 0.17 30.11
N ILE B 178 0.73 0.84 29.15
CA ILE B 178 1.42 1.86 28.39
C ILE B 178 2.05 2.95 29.24
N LEU B 179 1.42 3.27 30.37
CA LEU B 179 1.96 4.32 31.24
C LEU B 179 3.37 4.05 31.75
N ASN B 180 3.65 2.85 32.23
CA ASN B 180 4.99 2.57 32.70
C ASN B 180 5.99 2.52 31.55
N LEU B 181 5.54 2.11 30.37
CA LEU B 181 6.42 2.07 29.21
C LEU B 181 6.83 3.49 28.85
N VAL B 182 5.88 4.42 28.96
CA VAL B 182 6.15 5.83 28.67
C VAL B 182 7.13 6.38 29.69
N ARG B 183 6.83 6.16 30.97
CA ARG B 183 7.69 6.64 32.04
C ARG B 183 9.13 6.21 31.87
N ASP B 184 9.32 4.94 31.51
CA ASP B 184 10.66 4.41 31.33
C ASP B 184 11.41 4.96 30.12
N ASN B 185 10.68 5.60 29.21
CA ASN B 185 11.28 6.15 28.00
C ASN B 185 11.10 7.65 27.85
N ILE B 187 11.70 11.77 29.10
CA ILE B 187 12.69 12.68 29.66
C ILE B 187 12.12 13.29 30.93
N LEU B 188 12.64 12.85 32.07
CA LEU B 188 12.16 13.35 33.36
C LEU B 188 13.30 13.79 34.26
N GLY B 189 12.96 14.44 35.37
CA GLY B 189 13.97 14.90 36.29
C GLY B 189 14.71 16.13 35.82
N VAL B 190 14.13 16.84 34.85
CA VAL B 190 14.75 18.04 34.31
C VAL B 190 13.80 19.24 34.42
N ARG B 191 14.38 20.44 34.39
CA ARG B 191 13.57 21.65 34.50
C ARG B 191 12.89 22.01 33.19
N VAL B 192 11.62 22.39 33.30
CA VAL B 192 10.84 22.77 32.12
C VAL B 192 10.00 24.01 32.39
N LYS B 193 9.54 24.63 31.31
CA LYS B 193 8.69 25.80 31.42
C LYS B 193 7.42 25.57 30.61
N ILE B 194 6.28 25.83 31.24
CA ILE B 194 4.99 25.68 30.59
C ILE B 194 4.64 27.06 30.05
N LEU B 195 4.57 27.19 28.73
CA LEU B 195 4.27 28.46 28.10
C LEU B 195 2.79 28.79 28.04
N GLY B 196 2.49 30.07 27.82
CA GLY B 196 1.10 30.51 27.73
C GLY B 196 0.62 31.23 28.97
N ASP B 197 -0.71 31.39 29.05
CA ASP B 197 -1.33 32.05 30.20
C ASP B 197 -1.01 31.30 31.49
N GLY B 198 -0.60 32.03 32.51
CA GLY B 198 -0.27 31.41 33.78
C GLY B 198 0.99 30.56 33.70
N SER B 199 1.89 30.92 32.79
CA SER B 199 3.13 30.19 32.59
C SER B 199 3.86 30.00 33.92
N PHE B 200 4.64 28.93 34.00
CA PHE B 200 5.41 28.63 35.21
C PHE B 200 6.53 27.64 34.89
N GLU B 201 7.49 27.53 35.80
CA GLU B 201 8.61 26.63 35.61
C GLU B 201 8.71 25.65 36.77
N GLY B 202 9.37 24.53 36.53
CA GLY B 202 9.54 23.54 37.57
C GLY B 202 10.21 22.29 37.04
N ILE B 203 10.34 21.29 37.90
CA ILE B 203 10.95 20.03 37.50
C ILE B 203 9.87 19.07 37.05
N ALA B 204 10.03 18.49 35.86
CA ALA B 204 9.09 17.52 35.33
C ALA B 204 9.42 16.22 36.05
N GLU B 205 8.59 15.87 37.03
CA GLU B 205 8.82 14.70 37.86
C GLU B 205 8.36 13.35 37.30
N ASP B 206 7.18 13.32 36.69
CA ASP B 206 6.64 12.07 36.19
C ASP B 206 5.28 12.38 35.54
N ILE B 207 4.57 11.33 35.14
CA ILE B 207 3.24 11.49 34.57
C ILE B 207 2.33 10.69 35.50
N ASP B 208 1.10 11.15 35.72
CA ASP B 208 0.22 10.41 36.61
C ASP B 208 -0.61 9.39 35.84
N ASP B 209 -1.61 8.82 36.50
CA ASP B 209 -2.45 7.80 35.87
C ASP B 209 -3.36 8.32 34.76
N PHE B 210 -3.46 9.64 34.61
CA PHE B 210 -4.26 10.23 33.56
C PHE B 210 -3.34 10.72 32.45
N GLY B 211 -2.05 10.49 32.62
CA GLY B 211 -1.09 10.91 31.62
C GLY B 211 -0.71 12.38 31.75
N ARG B 212 -1.09 12.99 32.86
CA ARG B 212 -0.77 14.40 33.09
C ARG B 212 0.68 14.55 33.53
N LEU B 213 1.33 15.62 33.08
CA LEU B 213 2.72 15.82 33.48
C LEU B 213 2.74 16.47 34.86
N ILE B 214 3.46 15.85 35.79
CA ILE B 214 3.55 16.35 37.15
C ILE B 214 4.79 17.25 37.27
N ILE B 215 4.57 18.50 37.62
CA ILE B 215 5.66 19.46 37.74
C ILE B 215 5.79 19.99 39.16
N ARG B 216 7.01 19.99 39.69
CA ARG B 216 7.26 20.50 41.03
C ARG B 216 7.88 21.88 40.89
N LEU B 217 7.13 22.90 41.27
CA LEU B 217 7.64 24.27 41.20
C LEU B 217 8.65 24.49 42.32
N ASP B 218 9.48 25.52 42.20
CA ASP B 218 10.48 25.79 43.23
C ASP B 218 9.86 26.06 44.60
N SER B 219 8.62 26.52 44.61
CA SER B 219 7.92 26.82 45.84
C SER B 219 7.46 25.54 46.53
N GLY B 220 7.52 24.43 45.81
CA GLY B 220 7.08 23.17 46.39
C GLY B 220 5.70 22.82 45.85
N GLU B 221 5.04 23.80 45.24
CA GLU B 221 3.72 23.57 44.67
C GLU B 221 3.82 22.52 43.58
N VAL B 222 2.81 21.65 43.51
CA VAL B 222 2.77 20.61 42.50
C VAL B 222 1.62 20.90 41.55
N LYS B 223 1.92 21.03 40.26
CA LYS B 223 0.88 21.29 39.27
C LYS B 223 0.83 20.10 38.32
N LYS B 224 -0.36 19.84 37.79
CA LYS B 224 -0.57 18.75 36.87
C LYS B 224 -0.97 19.33 35.53
N VAL B 225 -0.12 19.12 34.52
CA VAL B 225 -0.37 19.64 33.19
C VAL B 225 -1.17 18.66 32.34
N ILE B 226 -2.33 19.11 31.85
CA ILE B 226 -3.16 18.25 31.02
C ILE B 226 -2.68 18.26 29.59
N TYR B 227 -2.82 17.12 28.92
CA TYR B 227 -2.40 16.99 27.54
C TYR B 227 -3.40 17.70 26.63
N GLY B 228 -2.87 18.53 25.73
CA GLY B 228 -3.71 19.26 24.81
C GLY B 228 -2.93 20.34 24.08
N ASP B 229 -3.39 21.58 24.24
CA ASP B 229 -2.77 22.74 23.61
C ASP B 229 -1.37 23.05 24.17
N VAL B 230 -1.13 22.56 25.38
CA VAL B 230 0.13 22.78 26.11
C VAL B 230 1.44 22.82 25.30
N SER B 231 2.29 23.77 25.68
CA SER B 231 3.60 23.94 25.05
C SER B 231 4.66 23.83 26.14
N LEU B 232 5.63 22.94 25.92
CA LEU B 232 6.70 22.70 26.88
C LEU B 232 8.09 23.06 26.34
N ARG B 233 8.92 23.63 27.20
CA ARG B 233 10.29 24.01 26.84
C ARG B 233 11.26 23.52 27.90
N PHE B 234 12.38 22.92 27.46
CA PHE B 234 13.40 22.45 28.39
C PHE B 234 14.28 23.64 28.78
N LEU B 235 14.61 23.74 30.05
CA LEU B 235 15.44 24.83 30.54
C LEU B 235 16.84 24.38 30.95
#